data_6E3F
#
_entry.id   6E3F
#
_cell.length_a   99.589
_cell.length_b   99.589
_cell.length_c   514.887
_cell.angle_alpha   90.000
_cell.angle_beta   90.000
_cell.angle_gamma   90.000
#
_symmetry.space_group_name_H-M   'I 41 2 2'
#
loop_
_entity.id
_entity.type
_entity.pdbx_description
1 polymer 'Probable cell-surface antigen I/II'
2 non-polymer 'CALCIUM ION'
3 water water
#
_entity_poly.entity_id   1
_entity_poly.type   'polypeptide(L)'
_entity_poly.pdbx_seq_one_letter_code
;MAHFRYYKLAVQPQVNKEIKNNNDVDIDKTLVAKQSVVKFQLKTADLPAGRAKTTSFVLVDPLPSGYQFNLEATKAASPG
FDVSYDKATNTVTFKATAATLATFNADLTKSVATIYPTVVGQVLNDGATYKNNFTLTVNDAYGIKSNVVRVTTPGKPNDP
DNPNNNYIKPTKVNKNENGVVIDGKTVLAGSTNYYELTWDLDQYKNDRSSADTIQKGFYYVDDYPEEALELRQDLVKITD
ANGNKVTGVSVDHYTSLEAAPQEVRDVLSKAGIRPKGAFQIFRADNPREFYDTYVKNGIDLKIVSPMVVKKQMGQTGGSY
ENQAYQIDFGNGYASNIVINNVPKINPKKDVTLTLDPADTNNVDGQTIPLNTVFNYRLIGGIIPADHSEELFEYNFYDDY
DQTGDRYTGQYKVFAKVDITLKDGSVIKSGTDLTQHTTAEVDATKGALTIKFKEDFLRSVSIDSAFQAESYIQMKRIAAG
TFENTYVNTVNKVAYASENLYFQGLEHHHHHH
;
_entity_poly.pdbx_strand_id   A
#
loop_
_chem_comp.id
_chem_comp.type
_chem_comp.name
_chem_comp.formula
CA non-polymer 'CALCIUM ION' 'Ca 2'
#
# COMPACT_ATOMS: atom_id res chain seq x y z
N TYR A 7 -29.58 -64.39 -7.15
CA TYR A 7 -29.45 -62.91 -6.92
C TYR A 7 -28.00 -62.41 -7.07
N LYS A 8 -27.28 -62.85 -8.11
CA LYS A 8 -25.92 -62.30 -8.34
C LYS A 8 -26.05 -60.93 -9.00
N LEU A 9 -24.95 -60.38 -9.55
CA LEU A 9 -24.94 -59.06 -10.20
C LEU A 9 -24.95 -57.97 -9.12
N ALA A 10 -23.76 -57.47 -8.74
CA ALA A 10 -23.67 -56.43 -7.69
C ALA A 10 -24.23 -55.10 -8.20
N VAL A 11 -24.58 -54.23 -7.27
CA VAL A 11 -25.20 -53.01 -7.58
C VAL A 11 -24.25 -52.18 -8.43
N GLN A 12 -24.86 -51.39 -9.33
CA GLN A 12 -24.14 -50.51 -10.29
C GLN A 12 -24.86 -49.16 -10.38
N PRO A 13 -25.04 -48.42 -9.26
CA PRO A 13 -25.64 -47.08 -9.29
C PRO A 13 -24.84 -46.08 -10.10
N GLN A 14 -25.53 -45.08 -10.65
CA GLN A 14 -24.93 -43.92 -11.20
C GLN A 14 -24.34 -43.14 -10.04
N VAL A 15 -23.41 -42.23 -10.35
CA VAL A 15 -22.75 -41.44 -9.35
C VAL A 15 -22.76 -39.98 -9.80
N ASN A 16 -22.96 -39.08 -8.84
CA ASN A 16 -22.92 -37.68 -9.03
C ASN A 16 -22.08 -37.08 -7.88
N LYS A 17 -20.99 -36.39 -8.25
CA LYS A 17 -20.30 -35.54 -7.33
C LYS A 17 -20.94 -34.16 -7.48
N GLU A 18 -21.04 -33.48 -6.34
CA GLU A 18 -21.58 -32.10 -6.19
C GLU A 18 -20.58 -31.30 -5.35
N ILE A 19 -20.49 -30.00 -5.60
CA ILE A 19 -19.57 -29.12 -4.93
C ILE A 19 -20.32 -27.89 -4.39
N LYS A 20 -20.17 -27.63 -3.08
CA LYS A 20 -20.99 -26.63 -2.43
C LYS A 20 -20.13 -25.81 -1.50
N ASN A 21 -20.54 -24.56 -1.27
CA ASN A 21 -19.97 -23.68 -0.25
C ASN A 21 -20.57 -24.00 1.13
N ASN A 22 -20.28 -23.13 2.11
CA ASN A 22 -20.46 -23.50 3.50
C ASN A 22 -21.92 -23.33 3.91
N ASN A 23 -22.69 -22.54 3.13
CA ASN A 23 -24.15 -22.46 3.22
C ASN A 23 -24.84 -23.51 2.33
N ASP A 24 -24.14 -24.56 1.91
CA ASP A 24 -24.74 -25.66 1.11
C ASP A 24 -25.36 -25.18 -0.22
N VAL A 25 -24.86 -24.08 -0.81
CA VAL A 25 -25.18 -23.67 -2.20
C VAL A 25 -24.21 -24.28 -3.20
N ASP A 26 -24.73 -24.74 -4.34
CA ASP A 26 -23.98 -25.24 -5.51
C ASP A 26 -23.07 -24.14 -6.05
N ILE A 27 -21.78 -24.44 -6.25
CA ILE A 27 -20.84 -23.45 -6.76
C ILE A 27 -20.08 -23.97 -7.98
N ASP A 28 -20.55 -25.07 -8.59
CA ASP A 28 -19.84 -25.67 -9.71
C ASP A 28 -19.56 -24.60 -10.78
N LYS A 29 -18.30 -24.46 -11.17
CA LYS A 29 -17.90 -23.64 -12.30
C LYS A 29 -18.11 -22.16 -12.01
N THR A 30 -17.91 -21.77 -10.74
CA THR A 30 -18.00 -20.38 -10.38
C THR A 30 -16.67 -19.95 -9.73
N LEU A 31 -16.81 -18.94 -8.87
CA LEU A 31 -15.77 -18.19 -8.27
C LEU A 31 -16.05 -18.07 -6.75
N VAL A 32 -15.02 -18.38 -5.96
CA VAL A 32 -15.14 -18.40 -4.53
C VAL A 32 -13.85 -17.91 -3.87
N ALA A 33 -13.97 -17.21 -2.74
CA ALA A 33 -12.79 -16.55 -2.21
C ALA A 33 -11.85 -17.56 -1.56
N LYS A 34 -10.59 -17.16 -1.50
CA LYS A 34 -9.55 -17.99 -0.95
C LYS A 34 -9.87 -18.27 0.54
N GLN A 35 -9.76 -19.54 0.92
CA GLN A 35 -9.98 -20.03 2.28
C GLN A 35 -11.47 -20.28 2.53
N SER A 36 -12.30 -20.02 1.52
CA SER A 36 -13.62 -20.54 1.52
C SER A 36 -13.60 -22.01 1.94
N VAL A 37 -14.59 -22.39 2.73
CA VAL A 37 -14.87 -23.78 2.95
C VAL A 37 -15.61 -24.23 1.71
N VAL A 38 -15.14 -25.37 1.18
CA VAL A 38 -15.65 -26.03 -0.01
C VAL A 38 -15.90 -27.50 0.33
N LYS A 39 -17.16 -27.91 0.11
CA LYS A 39 -17.63 -29.20 0.45
C LYS A 39 -17.71 -29.98 -0.89
N PHE A 40 -17.38 -31.29 -0.85
CA PHE A 40 -17.75 -32.26 -1.90
C PHE A 40 -18.70 -33.35 -1.38
N GLN A 41 -19.83 -33.50 -2.06
CA GLN A 41 -20.85 -34.56 -1.78
C GLN A 41 -20.70 -35.67 -2.83
N LEU A 42 -20.46 -36.91 -2.39
CA LEU A 42 -20.25 -38.04 -3.26
C LEU A 42 -21.51 -38.92 -3.25
N LYS A 43 -22.49 -38.46 -4.04
CA LYS A 43 -23.81 -39.08 -4.04
C LYS A 43 -23.90 -40.26 -4.99
N THR A 44 -24.69 -41.25 -4.58
CA THR A 44 -24.97 -42.36 -5.47
C THR A 44 -26.49 -42.53 -5.64
N ALA A 45 -26.90 -42.99 -6.80
CA ALA A 45 -28.35 -43.40 -7.04
C ALA A 45 -28.78 -44.60 -6.17
N ASP A 46 -30.10 -44.70 -5.97
CA ASP A 46 -30.73 -45.74 -5.14
C ASP A 46 -30.42 -47.17 -5.63
N LEU A 47 -30.26 -48.12 -4.71
CA LEU A 47 -29.86 -49.46 -5.15
C LEU A 47 -31.12 -50.26 -5.50
N PRO A 48 -31.16 -50.87 -6.69
CA PRO A 48 -32.41 -51.48 -7.17
C PRO A 48 -32.75 -52.84 -6.54
N ALA A 49 -34.06 -53.06 -6.34
CA ALA A 49 -34.64 -54.46 -6.11
C ALA A 49 -34.09 -55.53 -7.09
N GLY A 50 -33.66 -56.65 -6.48
CA GLY A 50 -33.00 -57.78 -7.18
C GLY A 50 -31.48 -57.68 -7.27
N ARG A 51 -30.87 -56.73 -6.56
CA ARG A 51 -29.43 -56.65 -6.44
C ARG A 51 -28.92 -57.84 -5.61
N ALA A 52 -27.60 -57.99 -5.69
CA ALA A 52 -26.87 -58.98 -4.88
C ALA A 52 -26.50 -58.32 -3.55
N LYS A 53 -25.97 -59.10 -2.63
CA LYS A 53 -25.59 -58.54 -1.32
C LYS A 53 -24.36 -57.64 -1.51
N THR A 54 -24.44 -56.41 -1.01
CA THR A 54 -23.31 -55.46 -1.05
C THR A 54 -22.41 -55.71 0.16
N THR A 55 -21.19 -56.18 -0.10
CA THR A 55 -20.28 -56.59 0.96
C THR A 55 -19.30 -55.47 1.33
N SER A 56 -19.22 -54.42 0.52
CA SER A 56 -18.16 -53.43 0.57
C SER A 56 -18.61 -52.31 -0.35
N PHE A 57 -18.49 -51.07 0.09
CA PHE A 57 -18.97 -49.90 -0.70
C PHE A 57 -18.02 -48.76 -0.36
N VAL A 58 -17.02 -48.55 -1.21
CA VAL A 58 -15.91 -47.59 -0.92
C VAL A 58 -15.85 -46.46 -1.94
N LEU A 59 -15.86 -45.22 -1.45
CA LEU A 59 -15.75 -44.03 -2.33
C LEU A 59 -14.38 -43.38 -2.09
N VAL A 60 -13.50 -43.46 -3.10
CA VAL A 60 -12.14 -42.87 -3.02
C VAL A 60 -12.17 -41.51 -3.74
N ASP A 61 -11.61 -40.47 -3.11
CA ASP A 61 -11.62 -39.15 -3.71
C ASP A 61 -10.24 -38.52 -3.64
N PRO A 62 -9.46 -38.52 -4.72
CA PRO A 62 -8.19 -37.82 -4.70
C PRO A 62 -8.46 -36.33 -4.90
N LEU A 63 -8.20 -35.59 -3.83
CA LEU A 63 -8.58 -34.23 -3.69
C LEU A 63 -7.62 -33.33 -4.46
N PRO A 64 -8.09 -32.17 -4.94
CA PRO A 64 -7.25 -31.31 -5.74
C PRO A 64 -6.08 -30.68 -4.97
N SER A 65 -5.00 -30.47 -5.71
CA SER A 65 -3.84 -29.70 -5.30
C SER A 65 -4.26 -28.33 -4.78
N GLY A 66 -3.86 -28.01 -3.53
CA GLY A 66 -4.26 -26.79 -2.82
C GLY A 66 -5.60 -26.85 -2.08
N TYR A 67 -6.23 -28.02 -1.94
CA TYR A 67 -7.48 -28.14 -1.13
C TYR A 67 -7.12 -28.86 0.18
N GLN A 68 -7.39 -28.18 1.28
CA GLN A 68 -6.94 -28.67 2.50
C GLN A 68 -8.09 -29.37 3.20
N PHE A 69 -7.86 -30.67 3.39
CA PHE A 69 -8.76 -31.61 3.92
C PHE A 69 -8.96 -31.38 5.42
N ASN A 70 -10.21 -31.14 5.89
CA ASN A 70 -10.49 -31.04 7.36
C ASN A 70 -11.14 -32.35 7.82
N LEU A 71 -10.31 -33.27 8.35
CA LEU A 71 -10.67 -34.62 8.78
C LEU A 71 -11.85 -34.58 9.75
N GLU A 72 -11.82 -33.75 10.80
CA GLU A 72 -12.82 -33.97 11.87
C GLU A 72 -14.20 -33.55 11.35
N ALA A 73 -14.21 -32.46 10.57
CA ALA A 73 -15.43 -31.89 10.00
C ALA A 73 -16.05 -32.89 8.99
N THR A 74 -15.18 -33.48 8.15
CA THR A 74 -15.51 -34.46 7.22
C THR A 74 -16.21 -35.60 7.95
N LYS A 75 -15.63 -36.12 9.02
CA LYS A 75 -16.30 -37.21 9.71
C LYS A 75 -17.67 -36.78 10.26
N ALA A 76 -17.73 -35.55 10.78
CA ALA A 76 -18.90 -34.95 11.31
C ALA A 76 -20.02 -34.94 10.28
N ALA A 77 -19.63 -34.86 8.99
CA ALA A 77 -20.57 -34.69 7.91
C ALA A 77 -20.80 -36.02 7.17
N SER A 78 -20.12 -37.10 7.56
CA SER A 78 -20.16 -38.37 6.85
C SER A 78 -20.53 -39.56 7.75
N PRO A 79 -21.69 -39.50 8.44
CA PRO A 79 -22.15 -40.60 9.28
C PRO A 79 -22.36 -41.87 8.43
N GLY A 80 -22.15 -43.03 9.04
CA GLY A 80 -22.27 -44.37 8.38
C GLY A 80 -21.10 -44.74 7.45
N PHE A 81 -20.00 -44.00 7.53
CA PHE A 81 -18.75 -44.13 6.71
C PHE A 81 -17.56 -44.02 7.65
N ASP A 82 -16.62 -44.97 7.57
CA ASP A 82 -15.28 -44.84 8.11
C ASP A 82 -14.45 -43.97 7.15
N VAL A 83 -13.78 -42.96 7.71
CA VAL A 83 -13.03 -42.03 6.94
C VAL A 83 -11.55 -42.32 7.18
N SER A 84 -10.77 -42.37 6.11
CA SER A 84 -9.33 -42.50 6.24
C SER A 84 -8.65 -41.58 5.22
N TYR A 85 -7.47 -41.08 5.53
CA TYR A 85 -6.85 -40.10 4.63
C TYR A 85 -5.38 -40.43 4.45
N ASP A 86 -4.90 -40.51 3.21
CA ASP A 86 -3.50 -40.56 2.88
C ASP A 86 -3.07 -39.13 2.66
N LYS A 87 -2.08 -38.69 3.45
CA LYS A 87 -1.46 -37.34 3.35
C LYS A 87 -0.64 -37.19 2.05
N ALA A 88 0.15 -38.21 1.69
CA ALA A 88 1.10 -38.10 0.56
C ALA A 88 0.39 -37.64 -0.73
N THR A 89 -0.78 -38.27 -0.97
CA THR A 89 -1.50 -38.18 -2.22
C THR A 89 -2.73 -37.24 -2.10
N ASN A 90 -2.95 -36.69 -0.90
CA ASN A 90 -4.17 -35.89 -0.59
C ASN A 90 -5.47 -36.62 -1.00
N THR A 91 -5.61 -37.86 -0.54
CA THR A 91 -6.71 -38.72 -0.98
C THR A 91 -7.56 -39.30 0.17
N VAL A 92 -8.86 -38.98 0.16
CA VAL A 92 -9.74 -39.45 1.24
C VAL A 92 -10.47 -40.71 0.77
N THR A 93 -10.68 -41.65 1.69
CA THR A 93 -11.41 -42.84 1.43
C THR A 93 -12.53 -42.98 2.47
N PHE A 94 -13.73 -43.34 1.99
CA PHE A 94 -14.95 -43.59 2.74
C PHE A 94 -15.38 -45.03 2.56
N LYS A 95 -15.54 -45.78 3.64
CA LYS A 95 -16.02 -47.11 3.51
C LYS A 95 -17.31 -47.16 4.27
N ALA A 96 -18.31 -47.76 3.65
CA ALA A 96 -19.60 -47.96 4.32
C ALA A 96 -19.32 -48.93 5.46
N THR A 97 -19.69 -48.52 6.66
CA THR A 97 -19.60 -49.29 7.89
C THR A 97 -20.48 -50.51 7.77
N ALA A 98 -20.35 -51.42 8.75
CA ALA A 98 -21.15 -52.66 8.75
C ALA A 98 -22.66 -52.34 8.84
N ALA A 99 -22.98 -51.30 9.61
CA ALA A 99 -24.32 -50.75 9.77
C ALA A 99 -24.89 -50.30 8.42
N THR A 100 -24.09 -49.58 7.65
CA THR A 100 -24.57 -49.06 6.39
C THR A 100 -24.81 -50.23 5.41
N LEU A 101 -23.97 -51.29 5.51
CA LEU A 101 -24.06 -52.47 4.66
C LEU A 101 -25.20 -53.40 5.09
N ALA A 102 -25.46 -53.46 6.40
CA ALA A 102 -26.65 -54.15 6.91
C ALA A 102 -27.94 -53.51 6.33
N THR A 103 -27.90 -52.19 6.22
CA THR A 103 -28.94 -51.36 5.67
C THR A 103 -29.14 -51.64 4.17
N PHE A 104 -28.05 -51.81 3.41
CA PHE A 104 -28.14 -51.98 2.00
C PHE A 104 -28.66 -53.39 1.71
N ASN A 105 -28.44 -54.31 2.65
CA ASN A 105 -28.69 -55.71 2.50
C ASN A 105 -29.96 -56.20 3.25
N ALA A 106 -30.70 -55.33 3.93
CA ALA A 106 -31.75 -55.79 4.82
C ALA A 106 -32.85 -56.54 4.04
N ASP A 107 -33.28 -55.94 2.92
CA ASP A 107 -34.31 -56.46 2.07
C ASP A 107 -33.90 -56.32 0.60
N LEU A 108 -33.36 -57.42 0.03
CA LEU A 108 -32.82 -57.38 -1.31
C LEU A 108 -33.95 -57.31 -2.33
N THR A 109 -35.20 -57.47 -1.82
CA THR A 109 -36.38 -57.58 -2.70
C THR A 109 -37.02 -56.21 -2.94
N LYS A 110 -36.42 -55.19 -2.31
CA LYS A 110 -36.92 -53.82 -2.55
C LYS A 110 -35.75 -52.84 -2.58
N SER A 111 -35.90 -51.76 -3.35
CA SER A 111 -34.89 -50.76 -3.49
C SER A 111 -34.62 -50.15 -2.12
N VAL A 112 -33.46 -49.50 -2.03
CA VAL A 112 -32.98 -48.82 -0.83
C VAL A 112 -32.23 -47.56 -1.28
N ALA A 113 -32.39 -46.49 -0.50
CA ALA A 113 -31.70 -45.23 -0.77
C ALA A 113 -30.27 -45.36 -0.22
N THR A 114 -29.31 -44.81 -0.95
CA THR A 114 -28.02 -44.70 -0.36
C THR A 114 -28.00 -43.43 0.49
N ILE A 115 -26.92 -43.37 1.28
CA ILE A 115 -26.37 -42.15 1.95
C ILE A 115 -25.08 -41.80 1.24
N TYR A 116 -24.54 -40.62 1.60
CA TYR A 116 -23.35 -40.13 0.98
C TYR A 116 -22.39 -39.46 1.99
N PRO A 117 -21.06 -39.58 1.76
CA PRO A 117 -20.05 -38.86 2.52
C PRO A 117 -19.81 -37.45 1.87
N THR A 118 -19.58 -36.47 2.80
CA THR A 118 -19.26 -35.14 2.42
C THR A 118 -17.81 -34.82 2.86
N VAL A 119 -17.01 -34.40 1.89
CA VAL A 119 -15.65 -33.94 2.16
C VAL A 119 -15.70 -32.46 2.56
N VAL A 120 -15.15 -32.15 3.74
CA VAL A 120 -15.08 -30.77 4.11
C VAL A 120 -13.61 -30.36 4.00
N GLY A 121 -13.40 -29.14 3.51
CA GLY A 121 -12.09 -28.59 3.38
C GLY A 121 -12.13 -27.15 2.89
N GLN A 122 -10.93 -26.57 2.73
CA GLN A 122 -10.81 -25.20 2.28
C GLN A 122 -9.88 -25.14 1.07
N VAL A 123 -10.10 -24.14 0.23
CA VAL A 123 -9.21 -23.85 -0.89
C VAL A 123 -8.13 -22.86 -0.43
N LEU A 124 -6.85 -23.27 -0.51
CA LEU A 124 -5.72 -22.52 0.12
C LEU A 124 -5.13 -21.44 -0.79
N ASN A 125 -5.15 -21.58 -2.11
CA ASN A 125 -4.34 -20.76 -3.04
C ASN A 125 -5.23 -19.81 -3.87
N ASP A 126 -4.61 -18.68 -4.24
CA ASP A 126 -5.20 -17.64 -5.13
C ASP A 126 -5.04 -18.09 -6.58
N GLY A 127 -5.91 -17.52 -7.43
CA GLY A 127 -5.93 -17.69 -8.88
C GLY A 127 -5.82 -19.14 -9.28
N ALA A 128 -6.63 -20.02 -8.71
CA ALA A 128 -6.46 -21.46 -8.95
C ALA A 128 -7.81 -22.11 -9.24
N THR A 129 -7.77 -23.15 -10.09
CA THR A 129 -8.94 -23.97 -10.40
C THR A 129 -8.79 -25.30 -9.67
N TYR A 130 -9.86 -25.68 -8.97
CA TYR A 130 -9.90 -26.89 -8.17
C TYR A 130 -10.93 -27.84 -8.74
N LYS A 131 -10.45 -28.95 -9.31
CA LYS A 131 -11.24 -29.97 -9.95
C LYS A 131 -11.31 -31.21 -9.06
N ASN A 132 -12.46 -31.87 -9.06
CA ASN A 132 -12.62 -33.02 -8.23
C ASN A 132 -13.52 -34.08 -8.90
N ASN A 133 -13.16 -35.34 -8.71
CA ASN A 133 -14.07 -36.43 -8.92
C ASN A 133 -13.89 -37.49 -7.82
N PHE A 134 -14.58 -38.64 -7.91
CA PHE A 134 -14.37 -39.74 -6.98
C PHE A 134 -14.80 -41.04 -7.65
N THR A 135 -14.35 -42.15 -7.08
CA THR A 135 -14.52 -43.42 -7.61
C THR A 135 -15.17 -44.33 -6.56
N LEU A 136 -16.40 -44.77 -6.88
CA LEU A 136 -17.07 -45.78 -6.14
C LEU A 136 -16.48 -47.10 -6.64
N THR A 137 -16.19 -48.03 -5.73
CA THR A 137 -16.12 -49.45 -6.10
C THR A 137 -16.98 -50.29 -5.12
N VAL A 138 -17.61 -51.29 -5.73
CA VAL A 138 -18.57 -52.18 -5.06
C VAL A 138 -18.00 -53.58 -4.92
N ASN A 139 -18.01 -54.11 -3.71
CA ASN A 139 -17.67 -55.50 -3.46
C ASN A 139 -16.24 -55.83 -3.86
N ASP A 140 -15.32 -54.88 -3.69
CA ASP A 140 -13.92 -54.98 -4.11
C ASP A 140 -13.81 -55.54 -5.53
N ALA A 141 -14.67 -55.04 -6.43
CA ALA A 141 -14.58 -55.44 -7.81
C ALA A 141 -14.75 -54.20 -8.71
N TYR A 142 -15.89 -54.16 -9.37
CA TYR A 142 -16.12 -53.10 -10.36
C TYR A 142 -16.34 -51.75 -9.69
N GLY A 143 -15.93 -50.70 -10.37
CA GLY A 143 -16.25 -49.36 -9.98
C GLY A 143 -16.22 -48.39 -11.14
N ILE A 144 -16.46 -47.10 -10.79
CA ILE A 144 -16.86 -46.10 -11.75
C ILE A 144 -16.48 -44.74 -11.19
N LYS A 145 -15.93 -43.91 -12.10
CA LYS A 145 -15.47 -42.59 -11.82
C LYS A 145 -16.64 -41.63 -12.06
N SER A 146 -16.68 -40.57 -11.29
CA SER A 146 -17.75 -39.62 -11.26
C SER A 146 -17.49 -38.52 -12.26
N ASN A 147 -18.47 -37.62 -12.38
CA ASN A 147 -18.29 -36.45 -13.15
C ASN A 147 -17.27 -35.55 -12.44
N VAL A 148 -16.79 -34.53 -13.14
CA VAL A 148 -15.82 -33.58 -12.61
C VAL A 148 -16.51 -32.28 -12.20
N VAL A 149 -16.24 -31.80 -10.99
CA VAL A 149 -16.79 -30.56 -10.56
C VAL A 149 -15.59 -29.68 -10.30
N ARG A 150 -15.87 -28.39 -10.20
CA ARG A 150 -14.77 -27.49 -10.04
C ARG A 150 -15.22 -26.15 -9.50
N VAL A 151 -14.24 -25.38 -9.05
CA VAL A 151 -14.49 -24.03 -8.65
C VAL A 151 -13.15 -23.33 -8.72
N THR A 152 -13.22 -22.01 -8.84
CA THR A 152 -12.04 -21.22 -9.04
C THR A 152 -11.94 -20.14 -7.97
N THR A 153 -10.71 -19.89 -7.52
CA THR A 153 -10.44 -18.75 -6.68
C THR A 153 -10.00 -17.59 -7.57
N PRO A 154 -10.38 -16.35 -7.22
CA PRO A 154 -9.97 -15.22 -8.04
C PRO A 154 -8.46 -15.03 -7.92
N GLY A 155 -7.82 -14.59 -9.01
CA GLY A 155 -6.42 -14.21 -8.99
C GLY A 155 -5.66 -14.50 -10.28
N LYS A 156 -6.37 -14.81 -11.36
CA LYS A 156 -5.82 -15.43 -12.58
C LYS A 156 -6.53 -14.86 -13.79
N PRO A 157 -5.78 -14.39 -14.82
CA PRO A 157 -6.40 -13.90 -16.06
C PRO A 157 -6.81 -15.01 -17.05
N ASN A 158 -7.58 -14.59 -18.06
CA ASN A 158 -8.12 -15.38 -19.24
C ASN A 158 -8.92 -16.60 -18.76
N ASP A 159 -9.59 -16.49 -17.61
CA ASP A 159 -10.37 -17.58 -17.00
C ASP A 159 -11.66 -17.81 -17.79
N PRO A 160 -11.88 -19.03 -18.36
CA PRO A 160 -13.10 -19.33 -19.12
C PRO A 160 -14.41 -19.18 -18.32
N ASP A 161 -14.39 -19.60 -17.05
CA ASP A 161 -15.55 -19.54 -16.14
C ASP A 161 -15.86 -18.12 -15.64
N ASN A 162 -14.86 -17.21 -15.61
CA ASN A 162 -15.07 -15.89 -14.98
C ASN A 162 -14.33 -14.82 -15.76
N PRO A 163 -14.94 -14.22 -16.81
CA PRO A 163 -14.18 -13.41 -17.76
C PRO A 163 -13.52 -12.16 -17.14
N ASN A 164 -13.91 -11.83 -15.90
CA ASN A 164 -13.42 -10.66 -15.20
C ASN A 164 -12.24 -10.99 -14.29
N ASN A 165 -11.96 -12.28 -14.08
CA ASN A 165 -10.84 -12.71 -13.24
C ASN A 165 -9.57 -12.11 -13.85
N ASN A 166 -8.79 -11.41 -13.01
N ASN A 166 -8.74 -11.52 -12.97
CA ASN A 166 -7.39 -10.95 -13.27
CA ASN A 166 -7.36 -11.15 -13.26
C ASN A 166 -6.68 -11.14 -11.93
C ASN A 166 -6.68 -11.15 -11.89
N TYR A 167 -5.43 -10.67 -11.83
CA TYR A 167 -4.68 -10.66 -10.59
C TYR A 167 -5.39 -9.78 -9.55
N ILE A 168 -5.25 -10.12 -8.27
CA ILE A 168 -5.46 -9.20 -7.15
C ILE A 168 -4.19 -8.34 -6.94
N LYS A 169 -4.18 -7.10 -7.49
CA LYS A 169 -3.05 -6.14 -7.32
C LYS A 169 -3.58 -4.79 -6.84
N PRO A 170 -3.57 -4.54 -5.50
CA PRO A 170 -3.74 -3.19 -5.01
C PRO A 170 -2.52 -2.40 -5.50
N THR A 171 -2.72 -1.16 -5.94
CA THR A 171 -1.63 -0.32 -6.47
C THR A 171 -1.57 1.00 -5.69
N LYS A 172 -0.41 1.65 -5.73
CA LYS A 172 -0.15 2.91 -5.01
C LYS A 172 0.64 3.85 -5.93
N VAL A 173 0.25 5.13 -5.90
CA VAL A 173 0.97 6.09 -6.67
C VAL A 173 1.00 7.39 -5.86
N ASN A 174 2.02 8.22 -6.11
CA ASN A 174 2.18 9.47 -5.39
C ASN A 174 2.02 10.63 -6.39
N LYS A 175 1.55 11.77 -5.89
CA LYS A 175 1.15 12.90 -6.75
C LYS A 175 1.29 14.23 -6.01
N ASN A 176 1.44 15.31 -6.78
CA ASN A 176 1.37 16.72 -6.32
C ASN A 176 -0.06 17.25 -6.57
N GLU A 177 -0.37 18.43 -6.04
CA GLU A 177 -1.78 18.92 -6.04
C GLU A 177 -2.27 19.15 -7.49
N ASN A 178 -1.36 19.33 -8.45
CA ASN A 178 -1.74 19.45 -9.88
C ASN A 178 -2.22 18.11 -10.45
N GLY A 179 -1.84 17.00 -9.80
CA GLY A 179 -2.25 15.66 -10.20
C GLY A 179 -1.17 14.94 -11.01
N VAL A 180 0.07 15.47 -10.97
CA VAL A 180 1.17 14.86 -11.71
C VAL A 180 1.81 13.77 -10.84
N VAL A 181 2.28 12.70 -11.49
CA VAL A 181 2.90 11.55 -10.82
C VAL A 181 4.29 11.95 -10.33
N ILE A 182 4.54 11.78 -9.01
CA ILE A 182 5.79 12.21 -8.34
C ILE A 182 6.55 11.02 -7.72
N ASP A 183 6.25 9.79 -8.16
CA ASP A 183 7.01 8.63 -7.67
C ASP A 183 8.48 8.94 -7.92
N GLY A 184 9.38 8.61 -7.00
CA GLY A 184 10.84 8.61 -7.27
C GLY A 184 11.50 9.98 -7.09
N LYS A 185 10.70 11.04 -6.98
CA LYS A 185 11.14 12.41 -6.93
C LYS A 185 11.48 12.85 -5.49
N THR A 186 12.26 13.95 -5.43
CA THR A 186 12.64 14.72 -4.24
C THR A 186 11.40 15.52 -3.79
N VAL A 187 11.13 15.54 -2.47
CA VAL A 187 9.95 16.24 -1.93
C VAL A 187 10.40 17.09 -0.75
N LEU A 188 10.10 18.40 -0.82
CA LEU A 188 10.67 19.35 0.14
C LEU A 188 9.84 19.29 1.42
N ALA A 189 10.52 19.24 2.56
CA ALA A 189 9.86 19.32 3.83
C ALA A 189 8.74 20.37 3.72
N GLY A 190 7.52 20.02 4.17
CA GLY A 190 6.34 20.87 4.07
C GLY A 190 5.45 20.57 2.85
N SER A 191 6.02 20.08 1.75
CA SER A 191 5.21 19.62 0.58
C SER A 191 4.32 18.43 0.99
N THR A 192 3.16 18.24 0.35
CA THR A 192 2.41 17.00 0.65
C THR A 192 2.52 15.99 -0.51
N ASN A 193 2.54 14.70 -0.10
CA ASN A 193 2.41 13.51 -0.93
C ASN A 193 0.91 13.16 -1.00
N TYR A 194 0.29 13.38 -2.18
CA TYR A 194 -1.14 13.15 -2.36
C TYR A 194 -1.36 11.73 -2.86
N TYR A 195 -1.08 10.75 -1.98
CA TYR A 195 -1.04 9.33 -2.33
C TYR A 195 -2.42 8.87 -2.81
N GLU A 196 -2.44 8.10 -3.91
CA GLU A 196 -3.66 7.43 -4.45
C GLU A 196 -3.51 5.91 -4.32
N LEU A 197 -4.26 5.34 -3.38
CA LEU A 197 -4.31 3.89 -3.16
C LEU A 197 -5.51 3.28 -3.93
N THR A 198 -5.26 2.22 -4.73
CA THR A 198 -6.32 1.48 -5.42
C THR A 198 -6.70 0.23 -4.59
N TRP A 199 -8.01 0.08 -4.36
CA TRP A 199 -8.60 -1.13 -3.82
C TRP A 199 -9.09 -1.99 -4.98
N ASP A 200 -8.35 -3.05 -5.28
CA ASP A 200 -8.56 -3.84 -6.48
C ASP A 200 -9.61 -4.93 -6.23
N LEU A 201 -10.86 -4.69 -6.68
CA LEU A 201 -11.98 -5.62 -6.47
C LEU A 201 -12.51 -6.23 -7.77
N ASP A 202 -12.09 -5.74 -8.94
CA ASP A 202 -12.76 -6.08 -10.22
C ASP A 202 -12.82 -7.61 -10.42
N GLN A 203 -11.80 -8.35 -9.97
CA GLN A 203 -11.69 -9.82 -10.13
C GLN A 203 -12.71 -10.56 -9.28
N TYR A 204 -13.20 -9.92 -8.22
CA TYR A 204 -14.15 -10.55 -7.31
C TYR A 204 -15.58 -10.57 -7.90
N LYS A 205 -15.76 -10.11 -9.15
CA LYS A 205 -17.09 -10.02 -9.72
C LYS A 205 -17.75 -11.40 -9.80
N ASN A 206 -19.05 -11.45 -9.54
CA ASN A 206 -19.89 -12.67 -9.57
C ASN A 206 -19.33 -13.74 -8.61
N ASP A 207 -18.62 -13.31 -7.57
CA ASP A 207 -18.23 -14.18 -6.47
C ASP A 207 -19.45 -14.88 -5.86
N ARG A 208 -19.26 -16.11 -5.39
CA ARG A 208 -20.37 -16.87 -4.75
C ARG A 208 -19.87 -17.45 -3.42
N SER A 209 -19.33 -16.61 -2.54
CA SER A 209 -18.83 -17.12 -1.27
C SER A 209 -19.99 -17.13 -0.27
N SER A 210 -19.82 -17.98 0.75
CA SER A 210 -20.70 -18.09 1.89
C SER A 210 -20.70 -16.80 2.73
N ALA A 211 -21.77 -16.69 3.52
CA ALA A 211 -21.90 -15.74 4.60
C ALA A 211 -20.63 -15.68 5.46
N ASP A 212 -20.17 -16.82 6.00
CA ASP A 212 -19.09 -16.86 7.04
C ASP A 212 -17.79 -16.23 6.45
N THR A 213 -17.55 -16.52 5.18
CA THR A 213 -16.42 -16.01 4.43
C THR A 213 -16.55 -14.49 4.25
N ILE A 214 -17.75 -13.97 3.96
CA ILE A 214 -17.92 -12.53 3.72
C ILE A 214 -17.77 -11.76 5.04
N GLN A 215 -18.22 -12.37 6.16
CA GLN A 215 -18.17 -11.73 7.47
C GLN A 215 -16.72 -11.51 7.94
N LYS A 216 -15.74 -12.08 7.25
CA LYS A 216 -14.36 -11.87 7.61
C LYS A 216 -13.90 -10.46 7.22
N GLY A 217 -14.68 -9.76 6.39
CA GLY A 217 -14.60 -8.31 6.28
C GLY A 217 -13.70 -7.82 5.16
N PHE A 218 -13.67 -6.51 5.01
CA PHE A 218 -12.87 -5.85 4.00
C PHE A 218 -12.12 -4.65 4.60
N TYR A 219 -10.80 -4.64 4.45
CA TYR A 219 -9.98 -3.64 5.05
C TYR A 219 -8.95 -3.12 4.04
N TYR A 220 -8.35 -1.98 4.36
CA TYR A 220 -7.24 -1.46 3.59
C TYR A 220 -6.25 -0.74 4.51
N VAL A 221 -4.98 -1.04 4.36
CA VAL A 221 -4.02 -0.54 5.28
C VAL A 221 -3.03 0.31 4.49
N ASP A 222 -2.67 1.45 5.08
CA ASP A 222 -1.51 2.18 4.59
C ASP A 222 -0.49 2.22 5.72
N ASP A 223 0.60 1.47 5.52
CA ASP A 223 1.78 1.48 6.37
C ASP A 223 2.64 2.68 5.96
N TYR A 224 2.24 3.87 6.40
CA TYR A 224 2.96 5.12 6.06
C TYR A 224 4.21 5.19 6.93
N PRO A 225 5.23 5.96 6.49
CA PRO A 225 6.42 6.21 7.30
C PRO A 225 6.28 7.42 8.25
N GLU A 226 5.99 7.13 9.51
CA GLU A 226 5.65 8.17 10.50
C GLU A 226 6.92 8.92 10.92
N GLU A 227 8.10 8.33 10.68
CA GLU A 227 9.41 8.96 10.93
C GLU A 227 9.59 10.17 10.01
N ALA A 228 8.97 10.16 8.82
CA ALA A 228 9.10 11.23 7.82
C ALA A 228 7.80 12.02 7.63
N LEU A 229 6.61 11.40 7.80
CA LEU A 229 5.34 12.02 7.39
C LEU A 229 4.33 12.10 8.54
N GLU A 230 3.48 13.13 8.49
CA GLU A 230 2.26 13.16 9.29
C GLU A 230 1.07 13.21 8.32
N LEU A 231 -0.05 12.57 8.72
CA LEU A 231 -1.21 12.39 7.85
C LEU A 231 -2.06 13.65 7.91
N ARG A 232 -2.51 14.10 6.75
CA ARG A 232 -3.63 15.01 6.67
C ARG A 232 -4.93 14.18 6.52
N GLN A 233 -5.38 13.60 7.64
CA GLN A 233 -6.53 12.63 7.66
C GLN A 233 -7.79 13.26 7.04
N ASP A 234 -7.92 14.58 7.22
CA ASP A 234 -9.08 15.39 6.86
C ASP A 234 -9.18 15.59 5.34
N LEU A 235 -8.16 15.18 4.57
CA LEU A 235 -8.21 15.32 3.09
C LEU A 235 -8.47 13.97 2.41
N VAL A 236 -8.87 12.92 3.16
CA VAL A 236 -9.09 11.57 2.56
C VAL A 236 -10.43 11.50 1.80
N LYS A 237 -10.37 10.87 0.61
CA LYS A 237 -11.43 10.86 -0.38
C LYS A 237 -11.49 9.46 -0.99
N ILE A 238 -12.47 8.69 -0.50
CA ILE A 238 -12.73 7.36 -0.98
C ILE A 238 -13.76 7.47 -2.10
N THR A 239 -13.39 7.10 -3.33
CA THR A 239 -14.33 7.09 -4.49
C THR A 239 -14.32 5.74 -5.22
N ASP A 240 -15.48 5.31 -5.72
CA ASP A 240 -15.59 4.09 -6.51
C ASP A 240 -15.17 4.40 -7.95
N ALA A 241 -15.11 3.36 -8.79
CA ALA A 241 -14.56 3.46 -10.13
C ALA A 241 -15.59 4.05 -11.10
N ASN A 242 -16.84 4.18 -10.67
CA ASN A 242 -17.86 4.88 -11.47
C ASN A 242 -17.77 6.40 -11.23
N GLY A 243 -16.95 6.79 -10.24
CA GLY A 243 -16.70 8.17 -9.93
C GLY A 243 -17.52 8.66 -8.74
N ASN A 244 -18.26 7.75 -8.06
CA ASN A 244 -19.15 8.14 -6.94
C ASN A 244 -18.42 8.12 -5.58
N LYS A 245 -18.98 8.85 -4.61
CA LYS A 245 -18.51 8.84 -3.20
C LYS A 245 -18.77 7.43 -2.67
N VAL A 246 -17.99 7.06 -1.65
CA VAL A 246 -18.09 5.71 -1.05
C VAL A 246 -18.60 5.88 0.37
N THR A 247 -19.53 5.04 0.81
CA THR A 247 -20.18 5.36 2.11
C THR A 247 -19.70 4.54 3.31
N GLY A 248 -19.86 3.21 3.30
CA GLY A 248 -19.63 2.36 4.48
C GLY A 248 -18.24 2.25 5.08
N VAL A 249 -17.23 2.86 4.50
CA VAL A 249 -15.83 2.74 5.01
C VAL A 249 -15.46 3.85 5.97
N SER A 250 -14.99 3.44 7.15
CA SER A 250 -14.39 4.31 8.21
C SER A 250 -12.86 4.30 8.17
N VAL A 251 -12.26 5.42 8.62
CA VAL A 251 -10.79 5.64 8.68
C VAL A 251 -10.30 5.71 10.12
N ASP A 252 -9.24 4.99 10.44
CA ASP A 252 -8.55 5.12 11.72
C ASP A 252 -7.04 5.20 11.42
N HIS A 253 -6.26 5.72 12.36
CA HIS A 253 -4.79 5.63 12.35
C HIS A 253 -4.33 5.16 13.74
N TYR A 254 -3.15 4.55 13.83
CA TYR A 254 -2.66 4.06 15.11
C TYR A 254 -1.14 4.19 15.13
N THR A 255 -0.60 4.38 16.34
CA THR A 255 0.83 4.68 16.52
C THR A 255 1.62 3.37 16.34
N SER A 256 1.10 2.26 16.86
CA SER A 256 1.69 0.94 16.62
C SER A 256 0.62 -0.15 16.70
N LEU A 257 0.96 -1.34 16.18
CA LEU A 257 0.11 -2.51 16.16
C LEU A 257 -0.34 -2.85 17.59
N GLU A 258 0.60 -2.81 18.54
CA GLU A 258 0.33 -3.09 19.98
C GLU A 258 -0.71 -2.11 20.51
N ALA A 259 -0.69 -0.87 20.00
CA ALA A 259 -1.58 0.21 20.45
C ALA A 259 -3.01 0.06 19.91
N ALA A 260 -3.23 -0.71 18.85
CA ALA A 260 -4.52 -0.70 18.18
C ALA A 260 -5.44 -1.80 18.73
N PRO A 261 -6.78 -1.64 18.61
CA PRO A 261 -7.75 -2.60 19.18
C PRO A 261 -7.49 -4.09 18.92
N GLN A 262 -8.11 -4.95 19.75
CA GLN A 262 -8.00 -6.41 19.59
C GLN A 262 -8.50 -6.84 18.21
N GLU A 263 -9.53 -6.15 17.68
CA GLU A 263 -10.09 -6.48 16.38
C GLU A 263 -9.01 -6.33 15.28
N VAL A 264 -8.26 -5.22 15.31
CA VAL A 264 -7.38 -4.94 14.19
C VAL A 264 -6.13 -5.82 14.30
N ARG A 265 -5.54 -5.95 15.50
CA ARG A 265 -4.39 -6.84 15.71
C ARG A 265 -4.68 -8.20 15.07
N ASP A 266 -5.88 -8.74 15.33
CA ASP A 266 -6.33 -10.05 14.86
C ASP A 266 -6.34 -10.12 13.32
N VAL A 267 -7.01 -9.14 12.70
CA VAL A 267 -7.20 -9.12 11.25
C VAL A 267 -5.84 -9.00 10.56
N LEU A 268 -4.97 -8.10 11.05
CA LEU A 268 -3.63 -8.00 10.48
C LEU A 268 -2.81 -9.26 10.76
N SER A 269 -2.98 -9.86 11.94
CA SER A 269 -2.24 -11.06 12.32
C SER A 269 -2.64 -12.27 11.45
N LYS A 270 -3.95 -12.52 11.35
CA LYS A 270 -4.48 -13.56 10.49
C LYS A 270 -3.98 -13.42 9.05
N ALA A 271 -4.03 -12.20 8.50
CA ALA A 271 -3.69 -11.94 7.10
C ALA A 271 -2.17 -11.99 6.85
N GLY A 272 -1.37 -11.95 7.93
CA GLY A 272 0.09 -12.04 7.87
C GLY A 272 0.77 -10.71 7.61
N ILE A 273 0.15 -9.62 8.06
CA ILE A 273 0.65 -8.28 7.89
C ILE A 273 1.08 -7.75 9.27
N ARG A 274 2.38 -7.50 9.41
CA ARG A 274 2.91 -6.81 10.55
C ARG A 274 3.49 -5.46 10.10
N PRO A 275 2.75 -4.33 10.21
CA PRO A 275 3.29 -3.00 9.92
C PRO A 275 4.52 -2.62 10.76
N LYS A 276 5.36 -1.74 10.20
CA LYS A 276 6.48 -1.05 10.91
C LYS A 276 5.95 0.24 11.59
N GLY A 277 5.89 0.23 12.91
CA GLY A 277 5.30 1.36 13.65
C GLY A 277 3.90 1.74 13.15
N ALA A 278 3.71 3.03 12.86
CA ALA A 278 2.35 3.61 12.75
C ALA A 278 1.75 3.29 11.38
N PHE A 279 0.42 3.12 11.34
CA PHE A 279 -0.29 2.85 10.10
C PHE A 279 -1.72 3.40 10.13
N GLN A 280 -2.24 3.60 8.92
CA GLN A 280 -3.57 4.11 8.66
C GLN A 280 -4.42 2.92 8.18
N ILE A 281 -5.63 2.75 8.72
CA ILE A 281 -6.43 1.58 8.36
C ILE A 281 -7.89 1.94 8.09
N PHE A 282 -8.33 1.51 6.90
CA PHE A 282 -9.70 1.63 6.47
C PHE A 282 -10.46 0.35 6.81
N ARG A 283 -11.79 0.41 6.82
CA ARG A 283 -12.63 -0.68 7.34
C ARG A 283 -14.03 -0.55 6.77
N ALA A 284 -14.56 -1.64 6.22
CA ALA A 284 -15.97 -1.78 5.81
C ALA A 284 -16.83 -1.91 7.07
N ASP A 285 -17.73 -0.93 7.25
CA ASP A 285 -18.46 -0.81 8.51
C ASP A 285 -19.44 -2.00 8.60
N ASN A 286 -20.01 -2.36 7.45
CA ASN A 286 -20.89 -3.55 7.36
C ASN A 286 -20.33 -4.45 6.24
N PRO A 287 -19.63 -5.56 6.53
CA PRO A 287 -19.10 -6.40 5.46
C PRO A 287 -20.13 -6.73 4.35
N ARG A 288 -21.28 -7.24 4.76
CA ARG A 288 -22.37 -7.66 3.83
C ARG A 288 -22.75 -6.54 2.85
N GLU A 289 -22.92 -5.30 3.34
CA GLU A 289 -23.34 -4.19 2.47
C GLU A 289 -22.24 -3.85 1.46
N PHE A 290 -21.00 -3.72 1.96
CA PHE A 290 -19.83 -3.48 1.14
C PHE A 290 -19.79 -4.53 0.04
N TYR A 291 -19.78 -5.81 0.48
CA TYR A 291 -19.76 -6.93 -0.43
C TYR A 291 -20.83 -6.75 -1.52
N ASP A 292 -22.09 -6.42 -1.12
CA ASP A 292 -23.21 -6.43 -2.06
C ASP A 292 -23.09 -5.26 -3.05
N THR A 293 -22.45 -4.15 -2.65
CA THR A 293 -22.37 -2.94 -3.50
C THR A 293 -21.13 -2.92 -4.40
N TYR A 294 -19.96 -3.23 -3.84
CA TYR A 294 -18.72 -3.07 -4.64
C TYR A 294 -18.05 -4.40 -4.96
N VAL A 295 -17.99 -5.32 -4.00
CA VAL A 295 -17.21 -6.52 -4.24
C VAL A 295 -17.88 -7.36 -5.31
N LYS A 296 -19.08 -7.85 -5.00
CA LYS A 296 -19.80 -8.73 -5.94
C LYS A 296 -19.93 -8.08 -7.34
N ASN A 297 -19.82 -6.74 -7.45
CA ASN A 297 -20.03 -6.01 -8.76
C ASN A 297 -18.70 -5.68 -9.46
N GLY A 298 -17.59 -5.91 -8.76
CA GLY A 298 -16.28 -5.75 -9.39
C GLY A 298 -15.92 -4.30 -9.63
N ILE A 299 -16.12 -3.48 -8.60
CA ILE A 299 -15.95 -2.03 -8.66
C ILE A 299 -14.75 -1.63 -7.78
N ASP A 300 -13.62 -1.30 -8.45
CA ASP A 300 -12.41 -0.87 -7.76
C ASP A 300 -12.70 0.41 -6.95
N LEU A 301 -12.05 0.56 -5.80
CA LEU A 301 -12.08 1.82 -5.10
C LEU A 301 -10.75 2.56 -5.31
N LYS A 302 -10.79 3.84 -4.91
CA LYS A 302 -9.68 4.71 -4.93
C LYS A 302 -9.70 5.44 -3.58
N ILE A 303 -8.56 5.41 -2.87
CA ILE A 303 -8.37 6.19 -1.68
C ILE A 303 -7.24 7.19 -1.95
N VAL A 304 -7.58 8.47 -1.79
CA VAL A 304 -6.64 9.55 -1.74
C VAL A 304 -6.34 9.82 -0.25
N SER A 305 -5.09 9.59 0.18
CA SER A 305 -4.68 9.76 1.57
C SER A 305 -3.44 10.65 1.60
N PRO A 306 -3.60 12.00 1.56
CA PRO A 306 -2.46 12.91 1.54
C PRO A 306 -1.76 12.93 2.89
N MET A 307 -0.44 13.08 2.79
CA MET A 307 0.46 13.05 3.91
C MET A 307 1.61 14.05 3.65
N VAL A 308 1.81 14.96 4.62
CA VAL A 308 2.77 16.05 4.53
C VAL A 308 4.10 15.58 5.12
N VAL A 309 5.20 16.12 4.57
CA VAL A 309 6.56 15.84 5.07
C VAL A 309 6.87 16.74 6.27
N LYS A 310 7.31 16.11 7.36
CA LYS A 310 7.69 16.80 8.59
C LYS A 310 8.87 17.76 8.31
N LYS A 311 8.88 18.90 9.01
CA LYS A 311 10.00 19.89 8.92
C LYS A 311 11.32 19.22 9.30
N GLN A 312 11.28 18.50 10.42
CA GLN A 312 12.41 17.89 11.15
C GLN A 312 13.25 17.01 10.20
N MET A 313 12.71 16.79 8.99
CA MET A 313 13.29 15.90 7.96
C MET A 313 14.16 16.69 6.98
N GLY A 314 13.90 18.00 6.82
CA GLY A 314 14.72 18.88 5.96
C GLY A 314 16.13 19.10 6.54
N GLN A 315 16.24 18.96 7.87
CA GLN A 315 17.51 19.11 8.61
C GLN A 315 18.35 17.83 8.47
N THR A 316 17.72 16.65 8.57
CA THR A 316 18.36 15.29 8.38
C THR A 316 18.45 14.92 6.88
N GLY A 317 17.36 15.14 6.13
CA GLY A 317 17.16 14.58 4.77
C GLY A 317 16.79 13.11 4.83
N GLY A 318 16.91 12.42 3.69
CA GLY A 318 16.88 10.95 3.57
C GLY A 318 15.54 10.49 3.02
N SER A 319 15.46 9.20 2.62
CA SER A 319 14.28 8.66 1.89
C SER A 319 13.20 8.08 2.84
N TYR A 320 11.96 8.08 2.36
CA TYR A 320 10.87 7.42 3.04
C TYR A 320 10.19 6.50 2.02
N GLU A 321 9.50 5.46 2.52
CA GLU A 321 8.70 4.67 1.58
C GLU A 321 7.32 4.36 2.16
N ASN A 322 6.31 4.37 1.27
CA ASN A 322 4.91 4.04 1.58
C ASN A 322 4.49 2.76 0.86
N GLN A 323 3.79 1.88 1.59
CA GLN A 323 3.24 0.62 1.07
C GLN A 323 1.80 0.47 1.59
N ALA A 324 0.95 -0.15 0.78
CA ALA A 324 -0.44 -0.40 1.11
C ALA A 324 -0.74 -1.91 1.14
N TYR A 325 -1.83 -2.28 1.81
CA TYR A 325 -2.34 -3.65 1.82
C TYR A 325 -3.86 -3.63 1.66
N GLN A 326 -4.40 -4.56 0.83
CA GLN A 326 -5.84 -4.83 0.91
C GLN A 326 -6.05 -6.19 1.58
N ILE A 327 -7.12 -6.26 2.40
CA ILE A 327 -7.55 -7.46 3.08
C ILE A 327 -9.02 -7.72 2.77
N ASP A 328 -9.22 -8.68 1.84
CA ASP A 328 -10.53 -9.16 1.40
C ASP A 328 -10.71 -10.56 1.98
N PHE A 329 -11.86 -10.75 2.65
CA PHE A 329 -12.22 -12.02 3.26
C PHE A 329 -11.09 -12.51 4.18
N GLY A 330 -10.28 -11.59 4.72
CA GLY A 330 -9.22 -11.92 5.68
C GLY A 330 -7.91 -12.29 5.01
N ASN A 331 -7.85 -12.13 3.67
CA ASN A 331 -6.69 -12.51 2.85
C ASN A 331 -5.85 -11.27 2.53
N GLY A 332 -4.53 -11.36 2.72
CA GLY A 332 -3.69 -10.18 2.67
C GLY A 332 -3.00 -10.03 1.33
N TYR A 333 -3.11 -8.85 0.70
CA TYR A 333 -2.33 -8.54 -0.51
C TYR A 333 -1.58 -7.20 -0.38
N ALA A 334 -0.34 -7.19 -0.87
CA ALA A 334 0.55 -6.01 -0.80
C ALA A 334 0.50 -5.24 -2.11
N SER A 335 0.53 -3.90 -1.98
CA SER A 335 0.80 -2.94 -3.06
C SER A 335 2.30 -2.86 -3.39
N ASN A 336 2.54 -2.25 -4.56
CA ASN A 336 3.85 -1.73 -4.97
C ASN A 336 4.34 -0.74 -3.88
N ILE A 337 5.66 -0.68 -3.68
CA ILE A 337 6.27 0.26 -2.73
C ILE A 337 6.65 1.54 -3.48
N VAL A 338 6.23 2.71 -2.94
CA VAL A 338 6.61 4.02 -3.52
C VAL A 338 7.64 4.70 -2.61
N ILE A 339 8.78 5.03 -3.24
CA ILE A 339 9.88 5.71 -2.58
C ILE A 339 9.89 7.19 -3.01
N ASN A 340 10.07 8.08 -2.03
CA ASN A 340 10.53 9.48 -2.28
C ASN A 340 11.76 9.78 -1.39
N ASN A 341 12.39 10.95 -1.58
CA ASN A 341 13.41 11.43 -0.57
C ASN A 341 13.30 12.93 -0.36
N VAL A 342 13.61 13.32 0.88
CA VAL A 342 13.63 14.71 1.30
C VAL A 342 15.07 15.17 1.15
N PRO A 343 15.31 16.39 0.63
CA PRO A 343 16.67 16.90 0.48
C PRO A 343 17.09 17.57 1.81
N LYS A 344 18.35 17.35 2.18
CA LYS A 344 18.94 18.15 3.23
C LYS A 344 19.22 19.54 2.64
N ILE A 345 18.50 20.55 3.17
CA ILE A 345 18.70 21.96 2.92
C ILE A 345 19.77 22.44 3.91
N ASN A 346 20.95 22.81 3.38
CA ASN A 346 22.11 22.97 4.21
C ASN A 346 22.72 24.36 3.98
N PRO A 347 22.12 25.44 4.52
CA PRO A 347 22.54 26.79 4.17
C PRO A 347 23.83 27.20 4.90
N LYS A 348 24.72 27.89 4.20
CA LYS A 348 26.02 28.17 4.74
C LYS A 348 26.22 29.68 4.75
N LYS A 349 27.03 30.14 5.71
CA LYS A 349 27.38 31.53 5.95
C LYS A 349 28.90 31.68 5.98
N ASP A 350 29.41 32.70 5.30
CA ASP A 350 30.84 33.04 5.30
C ASP A 350 31.00 34.55 5.29
N VAL A 351 32.22 35.01 5.58
CA VAL A 351 32.63 36.39 5.46
C VAL A 351 33.61 36.53 4.29
N THR A 352 33.38 37.51 3.40
CA THR A 352 34.28 37.81 2.26
C THR A 352 34.49 39.31 2.13
N LEU A 353 35.63 39.69 1.55
CA LEU A 353 35.93 41.10 1.33
C LEU A 353 35.50 41.52 -0.09
N THR A 354 35.12 40.55 -0.94
CA THR A 354 34.67 40.83 -2.33
C THR A 354 33.23 40.33 -2.59
N LEU A 355 32.65 40.84 -3.69
CA LEU A 355 31.31 40.50 -4.20
C LEU A 355 31.42 39.56 -5.40
N ASP A 356 32.57 38.89 -5.53
CA ASP A 356 32.80 38.08 -6.68
C ASP A 356 32.42 36.65 -6.34
N PRO A 357 31.39 36.07 -7.00
CA PRO A 357 30.95 34.70 -6.69
C PRO A 357 31.96 33.61 -7.07
N ALA A 358 32.97 33.94 -7.88
CA ALA A 358 34.00 32.99 -8.27
C ALA A 358 35.29 33.11 -7.43
N ASP A 359 35.29 33.95 -6.37
CA ASP A 359 36.50 34.32 -5.64
C ASP A 359 37.15 33.12 -4.93
N THR A 360 38.43 33.31 -4.56
CA THR A 360 39.26 32.28 -3.88
C THR A 360 38.48 31.83 -2.64
N ASN A 361 38.65 30.55 -2.30
CA ASN A 361 37.95 29.94 -1.21
C ASN A 361 38.94 29.73 -0.05
N ASN A 362 39.31 30.86 0.55
CA ASN A 362 40.22 30.91 1.72
C ASN A 362 39.44 30.49 2.96
N VAL A 363 40.11 29.85 3.90
CA VAL A 363 39.46 29.27 5.11
C VAL A 363 39.84 30.09 6.34
N ASP A 364 41.01 30.72 6.25
CA ASP A 364 41.67 31.52 7.33
C ASP A 364 40.67 32.17 8.30
N GLY A 365 40.95 32.05 9.59
CA GLY A 365 40.19 32.70 10.68
C GLY A 365 40.04 34.17 10.35
N GLN A 366 38.89 34.50 9.73
CA GLN A 366 38.58 35.85 9.18
C GLN A 366 38.36 36.91 10.26
N THR A 367 39.44 37.55 10.72
CA THR A 367 39.32 38.72 11.62
C THR A 367 39.23 40.00 10.77
N ILE A 368 38.21 40.81 11.05
CA ILE A 368 37.90 41.96 10.25
C ILE A 368 38.47 43.18 10.97
N PRO A 369 39.49 43.83 10.37
CA PRO A 369 40.02 45.08 10.95
C PRO A 369 38.89 46.11 11.17
N LEU A 370 39.02 46.86 12.26
CA LEU A 370 38.16 48.01 12.57
C LEU A 370 37.97 48.85 11.30
N ASN A 371 36.71 49.08 10.93
CA ASN A 371 36.27 50.01 9.88
C ASN A 371 36.39 49.37 8.47
N THR A 372 36.64 48.07 8.36
CA THR A 372 36.63 47.45 7.05
C THR A 372 35.20 47.22 6.53
N VAL A 373 35.01 47.52 5.23
CA VAL A 373 33.83 47.18 4.51
C VAL A 373 33.91 45.73 4.03
N PHE A 374 32.97 44.89 4.49
CA PHE A 374 33.00 43.46 4.19
C PHE A 374 31.60 42.98 3.79
N ASN A 375 31.48 41.71 3.42
CA ASN A 375 30.19 41.13 3.12
C ASN A 375 29.98 39.82 3.88
N TYR A 376 28.73 39.60 4.36
CA TYR A 376 28.25 38.27 4.77
C TYR A 376 27.74 37.60 3.50
N ARG A 377 28.32 36.46 3.18
CA ARG A 377 27.94 35.63 2.06
C ARG A 377 26.96 34.59 2.61
N LEU A 378 25.70 34.74 2.24
CA LEU A 378 24.64 33.89 2.77
C LEU A 378 24.24 32.91 1.67
N ILE A 379 24.71 31.67 1.79
CA ILE A 379 24.55 30.70 0.74
C ILE A 379 23.25 29.93 1.01
N GLY A 380 22.41 29.91 -0.01
CA GLY A 380 21.13 29.30 0.08
C GLY A 380 21.22 27.79 -0.03
N GLY A 381 20.14 27.12 0.38
CA GLY A 381 20.06 25.69 0.32
C GLY A 381 19.98 25.21 -1.12
N ILE A 382 20.57 24.04 -1.39
CA ILE A 382 20.47 23.39 -2.69
C ILE A 382 19.09 22.71 -2.81
N ILE A 383 18.35 23.08 -3.85
CA ILE A 383 17.11 22.47 -4.16
C ILE A 383 17.27 21.60 -5.39
N PRO A 384 17.18 20.24 -5.25
CA PRO A 384 17.62 19.31 -6.29
C PRO A 384 16.64 19.21 -7.47
N ALA A 385 17.15 18.73 -8.59
CA ALA A 385 16.35 18.52 -9.76
C ALA A 385 15.24 17.48 -9.48
N ASP A 386 14.19 17.51 -10.31
CA ASP A 386 13.05 16.57 -10.26
C ASP A 386 12.44 16.61 -8.86
N HIS A 387 11.85 17.75 -8.50
CA HIS A 387 11.25 17.92 -7.19
C HIS A 387 9.72 18.05 -7.37
N SER A 388 9.01 17.93 -6.25
CA SER A 388 7.54 17.87 -6.18
C SER A 388 6.86 19.12 -6.71
N GLU A 389 6.71 20.11 -5.85
CA GLU A 389 5.86 21.27 -6.09
C GLU A 389 6.74 22.34 -6.73
N GLU A 390 6.14 23.50 -6.96
CA GLU A 390 6.85 24.63 -7.46
C GLU A 390 7.60 25.29 -6.31
N LEU A 391 8.65 26.02 -6.65
CA LEU A 391 9.29 26.88 -5.73
C LEU A 391 8.50 28.18 -5.61
N PHE A 392 8.24 28.66 -4.39
CA PHE A 392 7.40 29.85 -4.24
C PHE A 392 7.88 30.80 -3.15
N GLU A 393 8.80 30.36 -2.28
CA GLU A 393 9.44 31.22 -1.30
C GLU A 393 10.90 30.75 -1.17
N TYR A 394 11.84 31.71 -1.15
CA TYR A 394 13.29 31.46 -0.95
C TYR A 394 13.87 32.77 -0.41
N ASN A 395 14.18 32.84 0.88
CA ASN A 395 14.47 34.08 1.55
C ASN A 395 15.74 33.93 2.38
N PHE A 396 16.49 35.01 2.48
CA PHE A 396 17.64 35.03 3.33
C PHE A 396 17.33 36.02 4.45
N TYR A 397 17.06 35.55 5.67
CA TYR A 397 16.91 36.45 6.86
C TYR A 397 18.28 36.64 7.52
N ASP A 398 18.65 37.87 7.88
CA ASP A 398 19.94 38.02 8.53
C ASP A 398 19.83 39.03 9.68
N ASP A 399 20.08 38.54 10.90
CA ASP A 399 20.06 39.38 12.06
C ASP A 399 21.50 39.63 12.46
N TYR A 400 21.94 40.89 12.36
CA TYR A 400 23.32 41.30 12.60
C TYR A 400 23.37 41.99 13.95
N ASP A 401 24.59 42.14 14.51
CA ASP A 401 24.83 42.77 15.79
C ASP A 401 25.24 44.23 15.53
N GLN A 402 24.37 45.19 15.88
CA GLN A 402 24.62 46.63 15.69
C GLN A 402 25.77 47.18 16.55
N THR A 403 26.14 46.50 17.65
CA THR A 403 27.33 46.86 18.45
C THR A 403 28.55 47.00 17.52
N GLY A 404 28.61 46.10 16.51
CA GLY A 404 29.82 45.85 15.70
C GLY A 404 29.64 46.00 14.20
N ASP A 405 28.41 45.84 13.70
CA ASP A 405 28.15 45.74 12.27
C ASP A 405 27.06 46.72 11.90
N ARG A 406 27.28 47.46 10.80
CA ARG A 406 26.29 48.44 10.28
C ARG A 406 25.94 48.07 8.84
N TYR A 407 24.66 47.91 8.53
CA TYR A 407 24.28 47.50 7.18
C TYR A 407 24.37 48.72 6.24
N THR A 408 25.06 48.51 5.12
CA THR A 408 25.49 49.51 4.15
C THR A 408 24.31 49.94 3.28
N GLY A 409 23.27 49.11 3.25
CA GLY A 409 22.14 49.30 2.36
C GLY A 409 22.38 48.68 0.99
N GLN A 410 23.47 47.92 0.86
CA GLN A 410 23.79 47.32 -0.46
C GLN A 410 23.94 45.81 -0.39
N TYR A 411 23.13 45.07 -1.16
CA TYR A 411 23.22 43.61 -1.24
C TYR A 411 23.19 43.21 -2.71
N LYS A 412 23.74 42.02 -3.03
CA LYS A 412 23.52 41.41 -4.34
C LYS A 412 23.21 39.92 -4.16
N VAL A 413 22.56 39.33 -5.18
CA VAL A 413 22.18 37.95 -5.15
C VAL A 413 22.66 37.30 -6.44
N PHE A 414 23.16 36.05 -6.32
CA PHE A 414 23.70 35.30 -7.45
C PHE A 414 23.13 33.88 -7.47
N ALA A 415 22.92 33.41 -8.69
CA ALA A 415 22.69 32.04 -8.96
C ALA A 415 23.97 31.26 -8.63
N LYS A 416 23.78 30.11 -8.01
CA LYS A 416 24.87 29.27 -7.57
C LYS A 416 24.94 27.95 -8.35
N VAL A 417 23.85 27.61 -9.05
CA VAL A 417 23.85 26.51 -10.04
C VAL A 417 23.06 26.97 -11.28
N ASP A 418 23.18 26.19 -12.36
CA ASP A 418 22.46 26.48 -13.59
C ASP A 418 20.97 26.24 -13.32
N ILE A 419 20.17 27.30 -13.46
CA ILE A 419 18.74 27.26 -13.17
C ILE A 419 17.99 27.26 -14.50
N THR A 420 17.12 26.27 -14.71
CA THR A 420 16.35 26.15 -15.93
C THR A 420 14.92 26.61 -15.63
N LEU A 421 14.41 27.55 -16.43
CA LEU A 421 13.03 28.02 -16.32
C LEU A 421 12.13 27.08 -17.13
N LYS A 422 10.82 27.34 -17.05
CA LYS A 422 9.80 26.52 -17.72
C LYS A 422 9.87 26.68 -19.23
N ASP A 423 9.99 27.94 -19.66
CA ASP A 423 10.06 28.28 -21.06
C ASP A 423 11.39 27.82 -21.68
N GLY A 424 12.19 27.05 -20.94
CA GLY A 424 13.36 26.35 -21.51
C GLY A 424 14.66 27.16 -21.42
N SER A 425 14.57 28.48 -21.21
CA SER A 425 15.78 29.31 -21.06
C SER A 425 16.53 28.89 -19.79
N VAL A 426 17.87 29.03 -19.80
CA VAL A 426 18.76 28.59 -18.73
C VAL A 426 19.57 29.80 -18.22
N ILE A 427 19.52 30.02 -16.89
CA ILE A 427 20.28 31.04 -16.18
C ILE A 427 21.54 30.35 -15.63
N LYS A 428 22.70 30.78 -16.12
CA LYS A 428 23.94 30.11 -15.79
C LYS A 428 24.36 30.53 -14.38
N SER A 429 24.87 29.56 -13.62
CA SER A 429 25.57 29.77 -12.36
C SER A 429 26.44 31.04 -12.42
N GLY A 430 26.32 31.90 -11.41
CA GLY A 430 27.08 33.14 -11.31
C GLY A 430 26.29 34.38 -11.73
N THR A 431 25.19 34.20 -12.47
CA THR A 431 24.40 35.30 -12.95
C THR A 431 23.82 36.09 -11.78
N ASP A 432 23.88 37.41 -11.91
CA ASP A 432 23.28 38.35 -10.97
C ASP A 432 21.74 38.19 -11.04
N LEU A 433 21.13 37.83 -9.91
CA LEU A 433 19.66 37.64 -9.78
C LEU A 433 19.04 38.74 -8.94
N THR A 434 19.81 39.77 -8.60
CA THR A 434 19.37 40.75 -7.62
C THR A 434 18.04 41.35 -8.04
N GLN A 435 17.84 41.57 -9.34
CA GLN A 435 16.64 42.24 -9.88
C GLN A 435 15.35 41.48 -9.50
N HIS A 436 15.47 40.15 -9.26
CA HIS A 436 14.35 39.27 -8.94
C HIS A 436 14.13 39.18 -7.42
N THR A 437 14.68 40.13 -6.66
CA THR A 437 14.56 40.13 -5.22
C THR A 437 14.14 41.53 -4.74
N THR A 438 13.71 41.61 -3.48
CA THR A 438 13.56 42.87 -2.77
C THR A 438 14.14 42.65 -1.39
N ALA A 439 14.09 43.67 -0.53
CA ALA A 439 14.56 43.50 0.81
C ALA A 439 13.64 44.23 1.78
N GLU A 440 13.25 43.51 2.85
CA GLU A 440 12.63 44.02 4.05
C GLU A 440 13.78 44.41 4.99
N VAL A 441 13.88 45.68 5.32
CA VAL A 441 14.87 46.15 6.25
C VAL A 441 14.16 46.69 7.50
N ASP A 442 14.67 46.35 8.69
CA ASP A 442 14.34 47.01 9.93
C ASP A 442 15.65 47.45 10.55
N ALA A 443 16.03 48.69 10.31
CA ALA A 443 17.30 49.18 10.79
C ALA A 443 17.32 49.21 12.32
N THR A 444 16.16 49.36 12.97
CA THR A 444 16.13 49.54 14.42
C THR A 444 16.39 48.21 15.13
N LYS A 445 15.69 47.17 14.69
CA LYS A 445 15.85 45.84 15.27
C LYS A 445 17.30 45.38 15.02
N GLY A 446 17.77 45.59 13.78
CA GLY A 446 19.10 45.26 13.35
C GLY A 446 19.07 44.01 12.51
N ALA A 447 18.35 44.07 11.39
CA ALA A 447 18.03 42.86 10.68
C ALA A 447 17.31 43.15 9.35
N LEU A 448 17.31 42.17 8.44
CA LEU A 448 16.81 42.33 7.07
C LEU A 448 16.56 40.96 6.45
N THR A 449 15.71 40.94 5.43
CA THR A 449 15.33 39.74 4.76
C THR A 449 15.36 40.02 3.25
N ILE A 450 16.07 39.19 2.49
CA ILE A 450 16.11 39.38 1.07
C ILE A 450 15.19 38.34 0.47
N LYS A 451 14.17 38.77 -0.23
CA LYS A 451 13.08 37.86 -0.61
C LYS A 451 13.09 37.71 -2.13
N PHE A 452 13.27 36.49 -2.60
CA PHE A 452 13.04 36.28 -3.99
C PHE A 452 11.58 36.59 -4.25
N LYS A 453 11.28 37.09 -5.45
CA LYS A 453 9.93 37.36 -5.90
C LYS A 453 9.22 36.05 -6.23
N GLU A 454 7.95 35.97 -5.85
CA GLU A 454 7.19 34.75 -6.01
C GLU A 454 7.07 34.42 -7.50
N ASP A 455 6.78 35.41 -8.36
CA ASP A 455 6.48 35.15 -9.77
C ASP A 455 7.70 34.50 -10.44
N PHE A 456 8.89 35.00 -10.10
CA PHE A 456 10.16 34.51 -10.61
C PHE A 456 10.39 33.07 -10.15
N LEU A 457 10.21 32.80 -8.85
CA LEU A 457 10.42 31.42 -8.34
C LEU A 457 9.46 30.45 -9.03
N ARG A 458 8.17 30.83 -9.12
CA ARG A 458 7.17 29.93 -9.71
C ARG A 458 7.48 29.71 -11.21
N SER A 459 8.30 30.58 -11.82
CA SER A 459 8.70 30.41 -13.23
C SER A 459 9.81 29.34 -13.36
N VAL A 460 10.40 28.90 -12.23
CA VAL A 460 11.44 27.85 -12.26
C VAL A 460 10.75 26.49 -12.41
N SER A 461 11.12 25.77 -13.47
CA SER A 461 10.71 24.39 -13.68
C SER A 461 10.82 23.61 -12.36
N ILE A 462 9.91 22.66 -12.18
CA ILE A 462 9.96 21.81 -11.01
C ILE A 462 11.06 20.77 -11.24
N ASP A 463 11.52 20.62 -12.49
CA ASP A 463 12.54 19.63 -12.87
C ASP A 463 13.96 20.20 -12.78
N SER A 464 14.10 21.53 -12.59
CA SER A 464 15.39 22.25 -12.49
C SER A 464 15.89 22.21 -11.05
N ALA A 465 17.21 22.11 -10.89
CA ALA A 465 17.84 22.43 -9.59
C ALA A 465 17.74 23.94 -9.34
N PHE A 466 17.84 24.36 -8.08
CA PHE A 466 17.85 25.80 -7.73
C PHE A 466 18.71 26.08 -6.50
N GLN A 467 19.53 27.12 -6.60
CA GLN A 467 20.33 27.60 -5.49
C GLN A 467 20.80 29.00 -5.84
N ALA A 468 20.72 29.89 -4.85
CA ALA A 468 21.21 31.23 -4.96
C ALA A 468 21.97 31.57 -3.68
N GLU A 469 22.76 32.65 -3.73
CA GLU A 469 23.45 33.16 -2.58
C GLU A 469 23.38 34.67 -2.58
N SER A 470 23.40 35.24 -1.39
CA SER A 470 23.29 36.65 -1.17
C SER A 470 24.58 37.14 -0.53
N TYR A 471 25.04 38.31 -0.99
CA TYR A 471 26.11 39.05 -0.37
C TYR A 471 25.50 40.30 0.23
N ILE A 472 25.56 40.48 1.54
CA ILE A 472 25.07 41.73 2.08
C ILE A 472 26.27 42.50 2.63
N GLN A 473 26.38 43.77 2.24
CA GLN A 473 27.56 44.56 2.53
C GLN A 473 27.43 45.25 3.90
N MET A 474 28.50 45.17 4.69
CA MET A 474 28.54 45.67 6.07
C MET A 474 29.83 46.47 6.30
N LYS A 475 29.81 47.27 7.36
CA LYS A 475 31.02 47.84 7.89
C LYS A 475 31.19 47.45 9.35
N ARG A 476 32.38 46.94 9.69
CA ARG A 476 32.73 46.60 11.06
C ARG A 476 33.08 47.91 11.78
N ILE A 477 32.37 48.27 12.84
CA ILE A 477 32.51 49.63 13.47
C ILE A 477 33.04 49.57 14.91
N ALA A 478 33.39 48.38 15.43
CA ALA A 478 34.03 48.25 16.74
C ALA A 478 35.00 47.06 16.69
N ALA A 479 35.98 47.05 17.61
CA ALA A 479 36.80 45.84 17.87
C ALA A 479 35.94 44.83 18.63
N GLY A 480 36.50 43.65 18.89
CA GLY A 480 35.77 42.50 19.45
C GLY A 480 35.23 41.64 18.33
N THR A 481 34.74 40.46 18.68
CA THR A 481 34.20 39.52 17.69
C THR A 481 32.65 39.53 17.82
N PHE A 482 31.96 39.23 16.72
CA PHE A 482 30.51 39.51 16.60
C PHE A 482 29.78 38.33 15.94
N GLU A 483 28.79 37.82 16.66
CA GLU A 483 27.86 36.82 16.16
C GLU A 483 27.09 37.45 14.98
N ASN A 484 26.60 36.61 14.07
CA ASN A 484 25.68 36.98 13.00
C ASN A 484 24.75 35.79 12.77
N THR A 485 23.44 35.98 12.82
CA THR A 485 22.50 34.90 12.55
C THR A 485 21.95 35.00 11.13
N TYR A 486 21.93 33.88 10.40
CA TYR A 486 21.30 33.76 9.07
C TYR A 486 20.41 32.52 9.00
N VAL A 487 19.21 32.69 8.46
CA VAL A 487 18.25 31.62 8.30
C VAL A 487 17.77 31.70 6.86
N ASN A 488 17.76 30.58 6.17
CA ASN A 488 17.24 30.45 4.84
C ASN A 488 15.86 29.81 4.93
N THR A 489 14.84 30.43 4.36
CA THR A 489 13.48 29.91 4.43
C THR A 489 13.04 29.50 3.05
N VAL A 490 12.76 28.20 2.87
CA VAL A 490 12.24 27.69 1.63
C VAL A 490 10.84 27.10 1.83
N ASN A 491 9.90 27.63 1.05
CA ASN A 491 8.52 27.14 0.99
C ASN A 491 7.99 27.08 2.42
N LYS A 492 8.16 28.18 3.14
CA LYS A 492 7.66 28.40 4.47
C LYS A 492 8.38 27.51 5.51
N VAL A 493 9.53 26.91 5.20
CA VAL A 493 10.27 26.14 6.20
C VAL A 493 11.62 26.83 6.48
N ALA A 494 11.85 27.24 7.73
CA ALA A 494 13.13 27.82 8.19
C ALA A 494 14.21 26.73 8.27
N TYR A 495 15.47 27.10 7.98
CA TYR A 495 16.60 26.23 8.03
C TYR A 495 17.80 27.05 8.50
N ALA A 496 18.35 26.72 9.67
CA ALA A 496 19.46 27.43 10.31
C ALA A 496 20.72 27.27 9.45
N SER A 497 21.62 28.24 9.55
CA SER A 497 22.86 28.14 8.82
C SER A 497 23.93 27.62 9.76
N GLU A 498 25.00 27.09 9.17
CA GLU A 498 26.23 26.85 9.88
C GLU A 498 27.33 27.67 9.19
N ASN A 499 28.41 27.90 9.93
CA ASN A 499 29.63 28.44 9.37
C ASN A 499 30.10 27.50 8.23
N LEU A 500 30.50 28.13 7.10
CA LEU A 500 31.08 27.47 5.91
C LEU A 500 32.39 26.75 6.27
N TYR A 501 33.10 27.26 7.29
CA TYR A 501 34.33 26.61 7.82
C TYR A 501 34.18 26.29 9.34
N PHE A 502 34.12 24.99 9.67
CA PHE A 502 33.99 24.43 11.06
C PHE A 502 35.33 24.62 11.80
N GLN A 503 35.25 24.90 13.11
CA GLN A 503 36.46 25.10 13.95
C GLN A 503 36.23 24.48 15.34
CA CA B . -7.50 -6.93 -10.55
CA CA C . 4.81 2.87 9.30
#